data_7SOP
#
_entry.id   7SOP
#
_cell.length_a   36.521
_cell.length_b   46.259
_cell.length_c   57.374
_cell.angle_alpha   90.000
_cell.angle_beta   90.000
_cell.angle_gamma   90.000
#
_symmetry.space_group_name_H-M   'P 21 21 21'
#
loop_
_entity.id
_entity.type
_entity.pdbx_description
1 polymer 'Isoform 2 of La-related protein 1'
2 polymer "RNA (5'-R(P*AP*AP*AP*UP*AP*A)-3')"
3 water water
#
loop_
_entity_poly.entity_id
_entity_poly.type
_entity_poly.pdbx_seq_one_letter_code
_entity_poly.pdbx_strand_id
1 'polypeptide(L)'
;MGSSHHHHHHSQELLKDYIKRQIEYYFSVDNLERDFFLRRKMDADGFLPITLIASFHRVQALTTDISLIFAALKDSKVVE
IVDEKVRRREEPEKWPLPP
;
A
2 'polyribonucleotide' AAAUAA B
#
# COMPACT_ATOMS: atom_id res chain seq x y z
N GLN A 12 14.54 -1.29 -14.19
CA GLN A 12 13.38 -0.94 -13.39
C GLN A 12 13.74 -0.65 -11.92
N GLU A 13 15.04 -0.70 -11.58
CA GLU A 13 15.43 -0.54 -10.18
C GLU A 13 15.06 0.84 -9.63
N LEU A 14 15.29 1.90 -10.42
CA LEU A 14 14.97 3.23 -9.92
C LEU A 14 13.48 3.40 -9.83
N LEU A 15 12.76 2.89 -10.83
CA LEU A 15 11.31 2.99 -10.77
C LEU A 15 10.75 2.26 -9.55
N LYS A 16 11.33 1.08 -9.25
CA LYS A 16 10.96 0.34 -8.03
C LYS A 16 11.11 1.22 -6.81
N ASP A 17 12.25 1.93 -6.71
CA ASP A 17 12.48 2.81 -5.56
C ASP A 17 11.38 3.87 -5.45
N TYR A 18 11.01 4.51 -6.56
CA TYR A 18 9.95 5.52 -6.49
C TYR A 18 8.62 4.88 -6.07
N ILE A 19 8.26 3.73 -6.65
CA ILE A 19 7.02 3.05 -6.27
C ILE A 19 7.03 2.68 -4.81
N LYS A 20 8.16 2.11 -4.32
CA LYS A 20 8.23 1.71 -2.92
C LYS A 20 8.00 2.93 -2.01
N ARG A 21 8.72 4.03 -2.23
CA ARG A 21 8.57 5.16 -1.32
C ARG A 21 7.16 5.71 -1.39
N GLN A 22 6.52 5.70 -2.59
CA GLN A 22 5.15 6.20 -2.71
C GLN A 22 4.19 5.37 -1.85
N ILE A 23 4.26 4.04 -1.97
CA ILE A 23 3.31 3.23 -1.24
C ILE A 23 3.62 3.26 0.25
N GLU A 24 4.90 3.36 0.61
CA GLU A 24 5.22 3.52 2.03
C GLU A 24 4.61 4.81 2.59
N TYR A 25 4.46 5.87 1.75
CA TYR A 25 3.78 7.05 2.27
C TYR A 25 2.32 6.74 2.56
N TYR A 26 1.62 6.05 1.64
CA TYR A 26 0.20 5.71 1.90
C TYR A 26 0.04 5.00 3.24
N PHE A 27 1.02 4.17 3.61
CA PHE A 27 0.89 3.38 4.84
C PHE A 27 1.63 4.01 6.03
N SER A 28 2.09 5.24 5.90
CA SER A 28 2.64 5.95 7.02
C SER A 28 1.54 6.38 7.98
N VAL A 29 1.92 6.56 9.26
CA VAL A 29 0.98 7.09 10.24
C VAL A 29 0.49 8.47 9.83
N ASP A 30 1.40 9.33 9.34
CA ASP A 30 0.99 10.66 8.88
C ASP A 30 -0.19 10.57 7.93
N ASN A 31 -0.08 9.71 6.93
CA ASN A 31 -1.15 9.60 5.97
C ASN A 31 -2.38 8.91 6.56
N LEU A 32 -2.18 7.82 7.28
CA LEU A 32 -3.32 7.02 7.77
C LEU A 32 -4.22 7.83 8.72
N GLU A 33 -3.66 8.76 9.49
CA GLU A 33 -4.52 9.57 10.37
C GLU A 33 -5.57 10.37 9.60
N ARG A 34 -5.35 10.62 8.30
CA ARG A 34 -6.33 11.40 7.52
C ARG A 34 -6.90 10.64 6.33
N ASP A 35 -6.42 9.44 6.04
CA ASP A 35 -6.77 8.76 4.78
C ASP A 35 -7.97 7.86 5.05
N PHE A 36 -9.14 8.50 5.13
CA PHE A 36 -10.36 7.77 5.46
C PHE A 36 -10.76 6.85 4.32
N PHE A 37 -10.56 7.27 3.07
CA PHE A 37 -10.83 6.37 1.95
C PHE A 37 -10.09 5.03 2.09
N LEU A 38 -8.78 5.10 2.29
CA LEU A 38 -7.99 3.88 2.34
C LEU A 38 -8.40 2.99 3.50
N ARG A 39 -8.65 3.60 4.66
CA ARG A 39 -9.04 2.83 5.83
C ARG A 39 -10.41 2.23 5.66
N ARG A 40 -11.33 2.96 5.01
CA ARG A 40 -12.66 2.44 4.76
C ARG A 40 -12.62 1.23 3.85
N LYS A 41 -11.56 1.08 3.05
CA LYS A 41 -11.41 -0.05 2.15
C LYS A 41 -10.66 -1.21 2.76
N MET A 42 -10.12 -1.06 3.98
CA MET A 42 -9.42 -2.15 4.61
C MET A 42 -10.39 -3.24 5.06
N ASP A 43 -9.90 -4.48 5.09
CA ASP A 43 -10.64 -5.49 5.83
C ASP A 43 -10.28 -5.40 7.31
N ALA A 44 -10.90 -6.27 8.12
CA ALA A 44 -10.76 -6.13 9.57
C ALA A 44 -9.32 -6.35 10.05
N ASP A 45 -8.48 -7.05 9.28
CA ASP A 45 -7.07 -7.24 9.61
C ASP A 45 -6.15 -6.14 9.05
N GLY A 46 -6.70 -5.11 8.39
CA GLY A 46 -5.89 -4.05 7.84
C GLY A 46 -5.50 -4.23 6.39
N PHE A 47 -5.87 -5.36 5.76
CA PHE A 47 -5.41 -5.67 4.41
C PHE A 47 -6.23 -4.93 3.37
N LEU A 48 -5.57 -4.51 2.29
CA LEU A 48 -6.07 -3.87 1.11
C LEU A 48 -5.61 -4.67 -0.11
N PRO A 49 -6.41 -4.77 -1.16
CA PRO A 49 -5.87 -5.38 -2.41
C PRO A 49 -4.71 -4.57 -2.98
N ILE A 50 -3.62 -5.25 -3.35
CA ILE A 50 -2.54 -4.49 -3.98
C ILE A 50 -3.03 -3.86 -5.26
N THR A 51 -4.00 -4.51 -5.95
CA THR A 51 -4.46 -3.87 -7.18
C THR A 51 -5.23 -2.57 -6.93
N LEU A 52 -5.84 -2.39 -5.73
CA LEU A 52 -6.43 -1.11 -5.43
C LEU A 52 -5.34 -0.05 -5.29
N ILE A 53 -4.26 -0.39 -4.59
CA ILE A 53 -3.16 0.58 -4.47
C ILE A 53 -2.58 0.93 -5.85
N ALA A 54 -2.48 -0.09 -6.73
CA ALA A 54 -1.99 0.13 -8.08
C ALA A 54 -2.78 1.18 -8.83
N SER A 55 -4.07 1.36 -8.51
CA SER A 55 -4.92 2.32 -9.21
C SER A 55 -4.72 3.76 -8.72
N PHE A 56 -4.04 3.95 -7.58
CA PHE A 56 -3.93 5.32 -7.05
C PHE A 56 -3.06 6.15 -8.00
N HIS A 57 -3.45 7.41 -8.20
CA HIS A 57 -2.91 8.19 -9.31
C HIS A 57 -1.39 8.23 -9.33
N ARG A 58 -0.74 8.38 -8.17
CA ARG A 58 0.71 8.57 -8.21
C ARG A 58 1.42 7.26 -8.50
N VAL A 59 0.79 6.13 -8.20
CA VAL A 59 1.40 4.84 -8.55
C VAL A 59 1.14 4.52 -10.00
N GLN A 60 -0.08 4.78 -10.45
CA GLN A 60 -0.44 4.45 -11.82
C GLN A 60 0.33 5.31 -12.81
N ALA A 61 0.69 6.53 -12.40
CA ALA A 61 1.52 7.36 -13.24
C ALA A 61 2.88 6.68 -13.47
N LEU A 62 3.43 6.08 -12.41
CA LEU A 62 4.76 5.46 -12.49
C LEU A 62 4.74 4.16 -13.27
N THR A 63 3.72 3.33 -13.07
CA THR A 63 3.74 2.03 -13.74
C THR A 63 2.33 1.46 -13.75
N THR A 64 2.06 0.58 -14.73
CA THR A 64 0.92 -0.33 -14.69
C THR A 64 1.36 -1.77 -14.60
N ASP A 65 2.63 -2.02 -14.29
CA ASP A 65 3.24 -3.34 -14.22
C ASP A 65 3.08 -3.92 -12.81
N ILE A 66 2.11 -4.84 -12.64
CA ILE A 66 1.85 -5.31 -11.27
C ILE A 66 3.03 -6.10 -10.67
N SER A 67 3.82 -6.82 -11.49
CA SER A 67 5.01 -7.48 -10.93
C SER A 67 5.97 -6.47 -10.33
N LEU A 68 6.13 -5.31 -11.00
CA LEU A 68 7.03 -4.29 -10.50
C LEU A 68 6.50 -3.71 -9.19
N ILE A 69 5.17 -3.52 -9.09
CA ILE A 69 4.60 -3.08 -7.81
C ILE A 69 4.84 -4.10 -6.71
N PHE A 70 4.60 -5.38 -7.00
CA PHE A 70 4.87 -6.40 -5.99
C PHE A 70 6.34 -6.41 -5.60
N ALA A 71 7.25 -6.31 -6.59
CA ALA A 71 8.67 -6.34 -6.26
C ALA A 71 9.08 -5.15 -5.40
N ALA A 72 8.48 -3.98 -5.64
CA ALA A 72 8.80 -2.80 -4.84
C ALA A 72 8.37 -3.00 -3.39
N LEU A 73 7.27 -3.72 -3.17
CA LEU A 73 6.73 -3.90 -1.81
C LEU A 73 7.44 -5.02 -1.08
N LYS A 74 7.92 -6.04 -1.80
CA LYS A 74 8.77 -7.03 -1.17
C LYS A 74 9.98 -6.35 -0.56
N ASP A 75 10.38 -5.22 -1.12
CA ASP A 75 11.52 -4.46 -0.62
C ASP A 75 11.22 -3.64 0.63
N SER A 76 9.99 -3.64 1.14
CA SER A 76 9.58 -2.70 2.17
C SER A 76 9.56 -3.32 3.57
N LYS A 77 10.12 -2.60 4.54
CA LYS A 77 9.98 -2.87 5.97
C LYS A 77 8.67 -2.33 6.56
N VAL A 78 7.92 -1.52 5.82
CA VAL A 78 6.75 -0.81 6.35
C VAL A 78 5.48 -1.62 6.19
N VAL A 79 5.40 -2.35 5.10
CA VAL A 79 4.23 -3.15 4.75
C VAL A 79 4.56 -4.64 4.70
N GLU A 80 3.50 -5.43 4.81
CA GLU A 80 3.50 -6.90 4.76
C GLU A 80 2.57 -7.32 3.62
N ILE A 81 3.03 -8.24 2.75
CA ILE A 81 2.20 -8.79 1.69
C ILE A 81 1.79 -10.21 2.03
N VAL A 82 0.50 -10.50 1.89
CA VAL A 82 -0.02 -11.87 1.94
C VAL A 82 -0.80 -12.07 0.66
N ASP A 83 -0.28 -12.91 -0.22
CA ASP A 83 -0.95 -13.22 -1.47
C ASP A 83 -1.20 -11.94 -2.26
N GLU A 84 -2.46 -11.55 -2.47
CA GLU A 84 -2.79 -10.36 -3.28
C GLU A 84 -2.95 -9.10 -2.45
N LYS A 85 -2.76 -9.17 -1.13
CA LYS A 85 -3.12 -8.09 -0.23
C LYS A 85 -1.91 -7.54 0.49
N VAL A 86 -2.03 -6.30 0.96
CA VAL A 86 -0.94 -5.60 1.62
C VAL A 86 -1.50 -4.87 2.83
N ARG A 87 -0.71 -4.80 3.89
CA ARG A 87 -1.11 -3.99 5.04
C ARG A 87 0.10 -3.40 5.72
N ARG A 88 -0.15 -2.41 6.59
CA ARG A 88 0.90 -1.88 7.44
C ARG A 88 1.37 -2.97 8.41
N ARG A 89 2.69 -3.14 8.52
CA ARG A 89 3.22 -4.18 9.39
C ARG A 89 2.92 -3.91 10.86
N GLU A 90 3.04 -2.65 11.29
CA GLU A 90 2.90 -2.30 12.71
C GLU A 90 1.43 -2.03 13.01
N GLU A 91 0.87 -2.79 13.97
CA GLU A 91 -0.49 -2.56 14.47
C GLU A 91 -1.52 -2.32 13.37
N PRO A 92 -1.60 -3.19 12.36
CA PRO A 92 -2.53 -2.91 11.26
C PRO A 92 -4.00 -2.84 11.66
N GLU A 93 -4.40 -3.55 12.72
CA GLU A 93 -5.80 -3.65 13.12
C GLU A 93 -6.31 -2.37 13.74
N LYS A 94 -5.45 -1.40 14.01
CA LYS A 94 -5.94 -0.18 14.60
C LYS A 94 -6.59 0.75 13.57
N TRP A 95 -6.33 0.55 12.26
CA TRP A 95 -6.71 1.49 11.21
C TRP A 95 -8.01 1.23 10.44
N PRO A 96 -8.51 0.00 10.31
CA PRO A 96 -9.73 -0.19 9.50
C PRO A 96 -10.88 0.68 9.98
N LEU A 97 -11.73 1.07 9.05
CA LEU A 97 -12.96 1.84 9.31
C LEU A 97 -14.12 1.20 8.55
N PRO A 98 -15.35 1.43 9.00
CA PRO A 98 -16.52 0.92 8.25
C PRO A 98 -16.57 1.53 6.87
N PRO A 99 -17.00 0.77 5.87
CA PRO A 99 -16.96 1.21 4.47
C PRO A 99 -17.70 2.51 4.20
#